data_5P9G
#
_entry.id   5P9G
#
_cell.length_a   72.090
_cell.length_b   104.420
_cell.length_c   38.380
_cell.angle_alpha   90.000
_cell.angle_beta   90.000
_cell.angle_gamma   90.000
#
_symmetry.space_group_name_H-M   'P 21 21 2'
#
loop_
_entity.id
_entity.type
_entity.pdbx_description
1 polymer 'Tyrosine-protein kinase BTK'
2 non-polymer 6-cyclopropyl-8-fluoranyl-2-[2-(hydroxymethyl)-3-[1-methyl-5-[[5-(4-methylpiperazin-1-yl)pyridin-2-yl]amino]-6-oxidanylidene-pyridin-3-yl]phenyl]isoquinolin-1-one
3 water water
#
_entity_poly.entity_id   1
_entity_poly.type   'polypeptide(L)'
_entity_poly.pdbx_seq_one_letter_code
;GKNAPSTAGLGYGSWEIDPKDLTFLKELGTGQFGVVKYGKWRGQYDVAIKMIKEGSMSEDEFIEEAKVMMNLSHEKLVQL
YGVCTKQRPIFIITEYMANGCLLNYLREMRHRFQTQQLLEMCKDVCEAMEYLESKQFLHRDLAARNCLVNDQGVVKVSDF
GLSRYVLDDEYTSSVGSKFPVRWSPPEVLMYSKFSSKSDIWAFGVLMWEIYSLGKMPYERFTNSETAEHIAQGLRLYRPH
LASEKVYTIMYSCWHEKADERPTFKILLSNILDVMDEES
;
_entity_poly.pdbx_strand_id   A
#
loop_
_chem_comp.id
_chem_comp.type
_chem_comp.name
_chem_comp.formula
7G6 non-polymer 6-cyclopropyl-8-fluoranyl-2-[2-(hydroxymethyl)-3-[1-methyl-5-[[5-(4-methylpiperazin-1-yl)pyridin-2-yl]amino]-6-oxidanylidene-pyridin-3-yl]phenyl]isoquinolin-1-one 'C35 H35 F N6 O3'
#
# COMPACT_ATOMS: atom_id res chain seq x y z
N SER A 14 -16.13 -11.87 -17.69
CA SER A 14 -16.36 -10.53 -17.06
C SER A 14 -15.02 -9.86 -16.78
N TRP A 15 -14.08 -10.63 -16.24
CA TRP A 15 -12.79 -10.06 -15.89
C TRP A 15 -11.96 -9.64 -17.16
N GLU A 16 -12.39 -10.11 -18.34
CA GLU A 16 -11.52 -10.11 -19.52
C GLU A 16 -11.62 -8.86 -20.43
N ILE A 17 -10.54 -8.12 -20.57
CA ILE A 17 -10.50 -6.96 -21.45
C ILE A 17 -9.80 -7.29 -22.78
N ASP A 18 -10.40 -6.86 -23.87
CA ASP A 18 -9.74 -6.99 -25.19
C ASP A 18 -8.61 -5.97 -25.29
N PRO A 19 -7.36 -6.42 -25.41
CA PRO A 19 -6.26 -5.48 -25.47
C PRO A 19 -6.37 -4.55 -26.69
N LYS A 20 -7.16 -4.91 -27.69
CA LYS A 20 -7.35 -4.06 -28.87
C LYS A 20 -8.07 -2.75 -28.52
N ASP A 21 -8.66 -2.74 -27.32
CA ASP A 21 -9.47 -1.62 -26.88
C ASP A 21 -8.62 -0.58 -26.16
N LEU A 22 -7.34 -0.86 -26.09
CA LEU A 22 -6.43 -0.05 -25.35
C LEU A 22 -5.62 0.79 -26.29
N THR A 23 -5.37 2.03 -25.87
CA THR A 23 -4.48 2.93 -26.60
C THR A 23 -3.40 3.32 -25.60
N PHE A 24 -2.14 3.00 -25.88
CA PHE A 24 -1.02 3.27 -24.95
C PHE A 24 -0.40 4.65 -25.23
N LEU A 25 -0.17 5.45 -24.18
CA LEU A 25 0.16 6.85 -24.35
C LEU A 25 1.44 7.29 -23.65
N LYS A 26 1.69 6.81 -22.44
CA LYS A 26 2.89 7.25 -21.71
C LYS A 26 3.35 6.18 -20.75
N GLU A 27 4.66 6.12 -20.54
CA GLU A 27 5.22 5.21 -19.55
C GLU A 27 5.15 5.81 -18.15
N LEU A 28 4.69 5.04 -17.17
CA LEU A 28 4.55 5.56 -15.81
C LEU A 28 5.69 5.13 -14.89
N GLY A 29 6.32 4.00 -15.20
CA GLY A 29 7.51 3.57 -14.49
C GLY A 29 7.53 2.05 -14.42
N THR A 30 8.36 1.51 -13.52
CA THR A 30 8.57 0.07 -13.37
C THR A 30 8.38 -0.37 -11.92
N GLY A 31 7.74 -1.50 -11.76
CA GLY A 31 7.49 -2.05 -10.43
C GLY A 31 7.82 -3.52 -10.37
N GLN A 32 7.30 -4.19 -9.33
CA GLN A 32 7.62 -5.58 -9.05
C GLN A 32 7.29 -6.52 -10.21
N PHE A 33 6.35 -6.15 -11.09
CA PHE A 33 5.98 -6.97 -12.22
C PHE A 33 6.35 -6.36 -13.57
N GLY A 34 7.18 -5.33 -13.56
CA GLY A 34 7.70 -4.74 -14.80
C GLY A 34 7.09 -3.37 -15.06
N VAL A 35 6.96 -3.03 -16.33
CA VAL A 35 6.53 -1.70 -16.74
C VAL A 35 5.02 -1.50 -16.56
N VAL A 36 4.65 -0.26 -16.29
CA VAL A 36 3.26 0.16 -16.18
C VAL A 36 3.12 1.38 -17.09
N LYS A 37 2.05 1.42 -17.87
CA LYS A 37 1.77 2.54 -18.75
C LYS A 37 0.42 3.18 -18.48
N TYR A 38 0.31 4.45 -18.88
CA TYR A 38 -0.95 5.19 -18.94
C TYR A 38 -1.52 5.07 -20.37
N GLY A 39 -2.83 4.90 -20.49
CA GLY A 39 -3.49 4.82 -21.79
C GLY A 39 -4.97 5.08 -21.67
N LYS A 40 -5.71 4.73 -22.73
CA LYS A 40 -7.13 4.98 -22.82
C LYS A 40 -7.80 3.67 -23.15
N TRP A 41 -8.98 3.44 -22.61
CA TRP A 41 -9.78 2.29 -23.00
C TRP A 41 -10.92 2.83 -23.85
N ARG A 42 -11.14 2.18 -24.99
CA ARG A 42 -12.08 2.62 -26.00
C ARG A 42 -12.02 4.13 -26.29
N GLY A 43 -10.81 4.68 -26.40
CA GLY A 43 -10.59 6.01 -26.97
C GLY A 43 -10.85 7.16 -26.02
N GLN A 44 -11.31 6.82 -24.83
CA GLN A 44 -12.07 7.73 -23.99
C GLN A 44 -11.73 7.72 -22.50
N TYR A 45 -11.54 6.52 -21.92
CA TYR A 45 -11.40 6.35 -20.49
C TYR A 45 -9.94 6.10 -20.05
N ASP A 46 -9.48 6.90 -19.09
CA ASP A 46 -8.12 6.77 -18.62
C ASP A 46 -7.96 5.47 -17.87
N VAL A 47 -6.82 4.83 -18.09
CA VAL A 47 -6.49 3.59 -17.42
C VAL A 47 -4.99 3.49 -17.20
N ALA A 48 -4.57 2.72 -16.21
CA ALA A 48 -3.17 2.28 -16.14
C ALA A 48 -3.08 0.79 -16.57
N ILE A 49 -1.98 0.43 -17.20
CA ILE A 49 -1.83 -0.89 -17.75
C ILE A 49 -0.53 -1.50 -17.30
N LYS A 50 -0.62 -2.53 -16.44
CA LYS A 50 0.59 -3.26 -16.05
C LYS A 50 0.86 -4.28 -17.13
N MET A 51 2.09 -4.26 -17.64
CA MET A 51 2.56 -5.25 -18.58
C MET A 51 3.46 -6.19 -17.76
N ILE A 52 2.92 -7.37 -17.43
CA ILE A 52 3.57 -8.27 -16.50
C ILE A 52 4.79 -8.92 -17.14
N LYS A 53 5.97 -8.61 -16.61
CA LYS A 53 7.23 -9.19 -17.09
C LYS A 53 7.25 -10.72 -17.03
N GLU A 54 7.61 -11.36 -18.14
CA GLU A 54 7.80 -12.82 -18.19
C GLU A 54 8.63 -13.32 -17.00
N GLY A 55 8.11 -14.34 -16.30
CA GLY A 55 8.81 -14.96 -15.15
C GLY A 55 8.66 -14.25 -13.79
N SER A 56 7.95 -13.11 -13.75
CA SER A 56 7.84 -12.31 -12.52
C SER A 56 6.66 -12.70 -11.65
N MET A 57 5.67 -13.31 -12.25
CA MET A 57 4.41 -13.58 -11.60
C MET A 57 3.92 -15.03 -11.73
N SER A 58 3.28 -15.51 -10.68
CA SER A 58 2.58 -16.79 -10.73
C SER A 58 1.23 -16.55 -11.43
N GLU A 59 1.27 -16.58 -12.77
CA GLU A 59 0.16 -16.08 -13.57
C GLU A 59 -1.12 -16.87 -13.42
N ASP A 60 -1.07 -18.18 -13.42
CA ASP A 60 -2.31 -18.96 -13.31
C ASP A 60 -3.00 -18.79 -11.95
N GLU A 61 -2.21 -18.70 -10.89
CA GLU A 61 -2.78 -18.38 -9.60
C GLU A 61 -3.40 -16.99 -9.55
N PHE A 62 -2.72 -16.01 -10.13
CA PHE A 62 -3.26 -14.68 -10.15
C PHE A 62 -4.57 -14.65 -10.87
N ILE A 63 -4.62 -15.26 -12.05
CA ILE A 63 -5.84 -15.23 -12.84
C ILE A 63 -7.05 -15.76 -12.13
N GLU A 64 -6.95 -16.88 -11.41
CA GLU A 64 -8.05 -17.31 -10.54
C GLU A 64 -8.38 -16.26 -9.45
N GLU A 65 -7.38 -15.66 -8.84
CA GLU A 65 -7.65 -14.69 -7.79
C GLU A 65 -8.25 -13.39 -8.36
N ALA A 66 -7.91 -13.09 -9.60
CA ALA A 66 -8.36 -11.85 -10.22
C ALA A 66 -9.86 -11.78 -10.08
N LYS A 67 -10.52 -12.94 -10.11
CA LYS A 67 -11.99 -12.94 -9.99
C LYS A 67 -12.48 -12.41 -8.63
N VAL A 68 -11.79 -12.75 -7.54
CA VAL A 68 -12.14 -12.23 -6.21
C VAL A 68 -11.81 -10.74 -6.13
N MET A 69 -10.69 -10.35 -6.72
CA MET A 69 -10.24 -8.98 -6.64
C MET A 69 -11.15 -8.03 -7.41
N MET A 70 -11.79 -8.50 -8.47
CA MET A 70 -12.70 -7.64 -9.25
C MET A 70 -14.02 -7.32 -8.51
N ASN A 71 -14.32 -8.09 -7.48
CA ASN A 71 -15.41 -7.75 -6.56
C ASN A 71 -14.99 -6.86 -5.37
N LEU A 72 -13.72 -6.55 -5.22
CA LEU A 72 -13.35 -5.57 -4.19
C LEU A 72 -13.54 -4.19 -4.80
N SER A 73 -14.49 -3.44 -4.27
CA SER A 73 -14.75 -2.12 -4.79
C SER A 73 -15.00 -1.15 -3.62
N HIS A 74 -14.22 -0.08 -3.58
CA HIS A 74 -14.36 0.93 -2.58
C HIS A 74 -13.72 2.21 -3.15
N GLU A 75 -14.28 3.36 -2.81
CA GLU A 75 -13.78 4.64 -3.35
C GLU A 75 -12.31 4.92 -3.03
N LYS A 76 -11.75 4.29 -1.98
CA LYS A 76 -10.36 4.53 -1.62
C LYS A 76 -9.45 3.34 -1.94
N LEU A 77 -9.94 2.38 -2.75
CA LEU A 77 -9.11 1.32 -3.26
C LEU A 77 -8.92 1.57 -4.76
N VAL A 78 -7.71 1.46 -5.26
CA VAL A 78 -7.50 1.58 -6.69
C VAL A 78 -8.32 0.44 -7.37
N GLN A 79 -9.19 0.79 -8.29
CA GLN A 79 -10.12 -0.17 -8.90
C GLN A 79 -9.40 -1.03 -9.96
N LEU A 80 -9.50 -2.34 -9.80
CA LEU A 80 -9.20 -3.26 -10.91
C LEU A 80 -10.30 -3.22 -11.97
N TYR A 81 -9.92 -3.10 -13.24
CA TYR A 81 -10.95 -3.01 -14.32
C TYR A 81 -11.00 -4.35 -15.08
N GLY A 82 -9.88 -5.02 -15.13
CA GLY A 82 -9.80 -6.30 -15.77
C GLY A 82 -8.38 -6.73 -16.08
N VAL A 83 -8.31 -7.85 -16.79
CA VAL A 83 -7.05 -8.47 -17.14
C VAL A 83 -7.11 -8.87 -18.62
N CYS A 84 -5.95 -8.95 -19.26
CA CYS A 84 -5.84 -9.49 -20.63
C CYS A 84 -4.95 -10.71 -20.48
N THR A 85 -5.53 -11.89 -20.68
CA THR A 85 -4.85 -13.14 -20.36
C THR A 85 -4.62 -14.07 -21.56
N LYS A 86 -5.20 -13.73 -22.70
CA LYS A 86 -5.14 -14.63 -23.86
C LYS A 86 -3.87 -14.39 -24.65
N GLN A 87 -2.76 -14.23 -23.94
CA GLN A 87 -1.56 -13.65 -24.52
C GLN A 87 -0.41 -13.58 -23.52
N ARG A 88 0.75 -13.10 -23.99
CA ARG A 88 1.90 -12.86 -23.11
C ARG A 88 2.81 -11.76 -23.71
N PRO A 89 3.08 -10.71 -22.93
CA PRO A 89 2.71 -10.53 -21.51
C PRO A 89 1.21 -10.35 -21.27
N ILE A 90 0.74 -10.84 -20.15
CA ILE A 90 -0.62 -10.54 -19.73
C ILE A 90 -0.62 -9.13 -19.18
N PHE A 91 -1.80 -8.50 -19.21
CA PHE A 91 -1.91 -7.14 -18.74
C PHE A 91 -2.91 -7.11 -17.60
N ILE A 92 -2.63 -6.23 -16.66
CA ILE A 92 -3.56 -5.87 -15.61
C ILE A 92 -4.00 -4.41 -15.79
N ILE A 93 -5.32 -4.19 -15.92
CA ILE A 93 -5.89 -2.88 -16.20
C ILE A 93 -6.55 -2.32 -14.98
N THR A 94 -6.12 -1.11 -14.57
CA THR A 94 -6.66 -0.51 -13.37
C THR A 94 -7.00 0.96 -13.57
N GLU A 95 -7.63 1.52 -12.53
CA GLU A 95 -7.87 2.93 -12.45
C GLU A 95 -6.52 3.64 -12.55
N TYR A 96 -6.53 4.82 -13.16
CA TYR A 96 -5.36 5.68 -13.30
C TYR A 96 -5.35 6.76 -12.21
N MET A 97 -4.20 6.99 -11.62
CA MET A 97 -4.00 7.93 -10.50
C MET A 97 -2.94 8.95 -10.91
N ALA A 98 -3.40 10.12 -11.33
CA ALA A 98 -2.60 11.11 -12.00
C ALA A 98 -1.35 11.63 -11.26
N ASN A 99 -1.37 11.60 -9.94
CA ASN A 99 -0.27 12.14 -9.17
C ASN A 99 0.71 11.09 -8.69
N GLY A 100 0.48 9.82 -9.01
CA GLY A 100 1.49 8.79 -8.79
C GLY A 100 1.61 8.33 -7.34
N CYS A 101 2.74 7.74 -7.00
CA CYS A 101 2.88 7.12 -5.69
C CYS A 101 3.00 8.16 -4.54
N LEU A 102 2.33 7.79 -3.46
CA LEU A 102 2.26 8.64 -2.27
C LEU A 102 3.62 8.99 -1.75
N LEU A 103 4.55 8.04 -1.74
CA LEU A 103 5.88 8.36 -1.22
C LEU A 103 6.52 9.51 -1.91
N ASN A 104 6.52 9.52 -3.26
CA ASN A 104 7.13 10.60 -3.98
C ASN A 104 6.33 11.92 -3.87
N TYR A 105 5.02 11.83 -3.72
CA TYR A 105 4.20 12.98 -3.54
C TYR A 105 4.53 13.68 -2.19
N LEU A 106 4.70 12.86 -1.14
CA LEU A 106 5.07 13.37 0.18
C LEU A 106 6.43 14.07 0.14
N ARG A 107 7.32 13.56 -0.69
CA ARG A 107 8.66 14.07 -0.71
C ARG A 107 8.80 15.37 -1.48
N GLU A 108 7.77 15.77 -2.22
CA GLU A 108 7.78 17.03 -2.99
C GLU A 108 7.45 18.14 -1.99
N MET A 109 8.44 18.89 -1.56
CA MET A 109 8.24 19.88 -0.48
C MET A 109 7.38 21.06 -0.95
N ARG A 110 7.27 21.27 -2.26
CA ARG A 110 6.41 22.36 -2.78
C ARG A 110 4.98 22.32 -2.26
N HIS A 111 4.48 21.14 -1.94
CA HIS A 111 3.09 21.01 -1.54
C HIS A 111 2.82 21.80 -0.24
N ARG A 112 3.86 21.95 0.59
CA ARG A 112 3.71 22.72 1.85
C ARG A 112 2.43 22.26 2.58
N PHE A 113 2.31 20.96 2.83
CA PHE A 113 1.11 20.35 3.40
C PHE A 113 0.77 20.87 4.77
N GLN A 114 -0.51 21.15 5.01
CA GLN A 114 -0.99 21.43 6.34
C GLN A 114 -1.25 20.11 7.00
N THR A 115 -1.18 20.09 8.32
CA THR A 115 -1.37 18.82 9.03
C THR A 115 -2.78 18.23 8.83
N GLN A 116 -3.78 19.08 8.57
CA GLN A 116 -5.10 18.59 8.27
C GLN A 116 -5.11 17.76 6.97
N GLN A 117 -4.27 18.14 6.00
CA GLN A 117 -4.15 17.37 4.75
C GLN A 117 -3.53 16.00 4.99
N LEU A 118 -2.50 15.99 5.81
CA LEU A 118 -1.81 14.77 6.20
C LEU A 118 -2.75 13.79 6.93
N LEU A 119 -3.64 14.32 7.78
CA LEU A 119 -4.55 13.44 8.52
C LEU A 119 -5.60 12.85 7.54
N GLU A 120 -6.00 13.64 6.56
CA GLU A 120 -6.94 13.19 5.53
C GLU A 120 -6.36 12.09 4.67
N MET A 121 -5.04 12.14 4.40
CA MET A 121 -4.39 11.03 3.71
C MET A 121 -4.46 9.73 4.53
N CYS A 122 -4.17 9.82 5.85
CA CYS A 122 -4.28 8.68 6.76
C CYS A 122 -5.70 8.16 6.78
N LYS A 123 -6.69 9.04 6.80
CA LYS A 123 -8.10 8.60 6.83
C LYS A 123 -8.52 7.91 5.52
N ASP A 124 -8.07 8.43 4.37
CA ASP A 124 -8.32 7.77 3.11
C ASP A 124 -7.85 6.26 3.14
N VAL A 125 -6.59 6.08 3.51
CA VAL A 125 -6.00 4.74 3.60
C VAL A 125 -6.76 3.89 4.62
N CYS A 126 -7.08 4.48 5.77
CA CYS A 126 -7.77 3.76 6.81
C CYS A 126 -9.15 3.26 6.38
N GLU A 127 -9.88 4.06 5.60
CA GLU A 127 -11.16 3.64 5.01
C GLU A 127 -11.00 2.43 4.09
N ALA A 128 -9.99 2.49 3.24
CA ALA A 128 -9.71 1.40 2.31
C ALA A 128 -9.39 0.14 3.10
N MET A 129 -8.55 0.27 4.13
CA MET A 129 -8.14 -0.87 4.96
C MET A 129 -9.27 -1.43 5.82
N GLU A 130 -10.17 -0.59 6.31
CA GLU A 130 -11.29 -1.09 7.02
C GLU A 130 -12.22 -1.92 6.09
N TYR A 131 -12.37 -1.46 4.85
CA TYR A 131 -13.12 -2.21 3.81
C TYR A 131 -12.47 -3.59 3.57
N LEU A 132 -11.16 -3.59 3.32
CA LEU A 132 -10.45 -4.87 3.13
C LEU A 132 -10.61 -5.77 4.35
N GLU A 133 -10.42 -5.22 5.55
CA GLU A 133 -10.56 -6.02 6.77
C GLU A 133 -11.98 -6.64 6.83
N SER A 134 -13.00 -5.86 6.42
CA SER A 134 -14.39 -6.34 6.42
C SER A 134 -14.59 -7.54 5.51
N LYS A 135 -13.72 -7.66 4.52
CA LYS A 135 -13.80 -8.74 3.55
C LYS A 135 -12.76 -9.83 3.85
N GLN A 136 -12.12 -9.73 5.02
CA GLN A 136 -11.06 -10.66 5.45
C GLN A 136 -9.93 -10.79 4.44
N PHE A 137 -9.65 -9.70 3.72
CA PHE A 137 -8.61 -9.64 2.71
C PHE A 137 -7.40 -8.84 3.20
N LEU A 138 -6.23 -9.46 3.23
CA LEU A 138 -5.00 -8.75 3.62
C LEU A 138 -4.30 -8.00 2.50
N HIS A 139 -3.73 -6.85 2.81
CA HIS A 139 -2.93 -6.20 1.83
C HIS A 139 -1.63 -6.95 1.63
N ARG A 140 -0.92 -7.14 2.75
CA ARG A 140 0.42 -7.80 2.84
C ARG A 140 1.63 -6.94 2.49
N ASP A 141 1.44 -5.79 1.82
CA ASP A 141 2.56 -4.88 1.56
C ASP A 141 2.12 -3.40 1.64
N LEU A 142 1.46 -3.07 2.72
CA LEU A 142 1.00 -1.70 2.92
C LEU A 142 2.17 -0.78 3.28
N ALA A 143 2.33 0.31 2.53
CA ALA A 143 3.38 1.27 2.75
C ALA A 143 3.10 2.43 1.79
N ALA A 144 3.72 3.60 2.01
CA ALA A 144 3.40 4.79 1.19
C ALA A 144 3.78 4.53 -0.27
N ARG A 145 4.80 3.69 -0.50
CA ARG A 145 5.20 3.35 -1.87
C ARG A 145 4.09 2.62 -2.62
N ASN A 146 3.18 1.97 -1.90
CA ASN A 146 2.07 1.24 -2.52
C ASN A 146 0.72 1.89 -2.31
N CYS A 147 0.70 3.20 -2.17
CA CYS A 147 -0.51 4.00 -2.19
C CYS A 147 -0.30 4.98 -3.35
N LEU A 148 -1.37 5.41 -3.95
CA LEU A 148 -1.34 6.29 -5.11
C LEU A 148 -2.23 7.49 -4.84
N VAL A 149 -2.02 8.56 -5.58
CA VAL A 149 -2.69 9.82 -5.35
C VAL A 149 -3.34 10.26 -6.66
N ASN A 150 -4.64 10.56 -6.63
CA ASN A 150 -5.32 10.99 -7.87
C ASN A 150 -5.27 12.49 -8.10
N ASP A 151 -5.93 12.92 -9.18
CA ASP A 151 -5.88 14.32 -9.54
C ASP A 151 -6.54 15.27 -8.52
N GLN A 152 -7.37 14.75 -7.62
CA GLN A 152 -7.95 15.58 -6.55
C GLN A 152 -7.20 15.49 -5.22
N GLY A 153 -6.08 14.79 -5.21
CA GLY A 153 -5.29 14.62 -4.02
C GLY A 153 -5.82 13.59 -3.07
N VAL A 154 -6.76 12.77 -3.53
CA VAL A 154 -7.27 11.63 -2.81
C VAL A 154 -6.24 10.48 -2.88
N VAL A 155 -5.95 9.90 -1.70
CA VAL A 155 -5.08 8.74 -1.62
C VAL A 155 -5.87 7.45 -1.70
N LYS A 156 -5.34 6.49 -2.46
CA LYS A 156 -5.98 5.20 -2.55
C LYS A 156 -4.93 4.11 -2.45
N VAL A 157 -5.36 2.98 -1.90
CA VAL A 157 -4.49 1.84 -1.66
C VAL A 157 -4.39 0.99 -2.91
N SER A 158 -3.16 0.66 -3.29
CA SER A 158 -2.88 -0.07 -4.53
C SER A 158 -2.15 -1.38 -4.29
N ASP A 159 -2.37 -2.29 -5.25
CA ASP A 159 -1.66 -3.57 -5.32
C ASP A 159 -1.83 -4.46 -4.11
N PHE A 160 -2.99 -4.35 -3.45
CA PHE A 160 -3.36 -5.17 -2.31
C PHE A 160 -3.45 -6.61 -2.79
N GLY A 161 -2.87 -7.51 -1.99
CA GLY A 161 -2.93 -8.96 -2.28
C GLY A 161 -1.93 -9.46 -3.28
N LEU A 162 -1.34 -8.59 -4.09
CA LEU A 162 -0.51 -9.06 -5.19
C LEU A 162 0.82 -9.68 -4.77
N SER A 163 1.27 -9.42 -3.54
CA SER A 163 2.50 -10.00 -3.02
C SER A 163 2.47 -11.53 -3.14
N ARG A 164 1.27 -12.11 -3.12
CA ARG A 164 1.13 -13.57 -3.12
C ARG A 164 1.57 -14.23 -4.43
N TYR A 165 1.67 -13.43 -5.50
CA TYR A 165 1.96 -13.95 -6.85
C TYR A 165 3.36 -13.57 -7.36
N VAL A 166 4.16 -12.99 -6.47
CA VAL A 166 5.48 -12.53 -6.83
C VAL A 166 6.45 -13.71 -6.81
N LEU A 167 7.19 -13.95 -7.88
CA LEU A 167 8.10 -15.11 -7.90
C LEU A 167 9.51 -14.89 -7.36
N ASP A 168 9.91 -13.63 -7.25
CA ASP A 168 11.19 -13.14 -6.75
C ASP A 168 11.51 -13.45 -5.28
N ASP A 169 12.42 -14.38 -5.04
CA ASP A 169 12.81 -14.73 -3.68
C ASP A 169 13.37 -13.56 -2.85
N GLU A 170 13.89 -12.53 -3.49
CA GLU A 170 14.46 -11.39 -2.72
C GLU A 170 13.31 -10.61 -2.07
N TYR A 171 12.11 -10.69 -2.67
CA TYR A 171 10.93 -10.01 -2.15
C TYR A 171 10.19 -10.84 -1.10
N THR A 172 10.10 -12.15 -1.36
CA THR A 172 9.31 -13.02 -0.54
C THR A 172 10.03 -13.45 0.75
N SER A 173 11.32 -13.68 0.72
CA SER A 173 12.04 -14.07 1.96
C SER A 173 12.10 -12.91 2.99
N SER A 174 11.89 -13.18 4.29
CA SER A 174 12.04 -12.13 5.30
C SER A 174 13.50 -11.66 5.44
N VAL A 175 14.44 -12.38 4.83
CA VAL A 175 15.83 -11.88 4.75
C VAL A 175 16.24 -11.38 3.36
N GLY A 176 15.24 -11.13 2.50
CA GLY A 176 15.50 -10.67 1.16
C GLY A 176 15.72 -9.16 1.16
N SER A 177 16.38 -8.68 0.13
CA SER A 177 16.75 -7.27 0.06
C SER A 177 15.52 -6.48 -0.22
N LYS A 178 14.51 -7.15 -0.76
CA LYS A 178 13.30 -6.45 -1.11
C LYS A 178 12.19 -6.69 -0.11
N PHE A 179 12.38 -7.56 0.90
CA PHE A 179 11.29 -7.81 1.86
C PHE A 179 11.01 -6.50 2.67
N PRO A 180 9.74 -6.17 2.93
CA PRO A 180 9.43 -4.93 3.67
C PRO A 180 9.67 -5.01 5.19
N VAL A 181 10.90 -5.24 5.59
CA VAL A 181 11.29 -5.34 6.98
C VAL A 181 10.78 -4.19 7.85
N ARG A 182 10.90 -2.98 7.33
CA ARG A 182 10.67 -1.77 8.13
C ARG A 182 9.16 -1.55 8.35
N TRP A 183 8.33 -2.33 7.65
CA TRP A 183 6.87 -2.27 7.75
C TRP A 183 6.28 -3.49 8.44
N SER A 184 7.16 -4.33 9.04
CA SER A 184 6.73 -5.63 9.60
C SER A 184 6.79 -5.73 11.12
N PRO A 185 5.78 -6.38 11.71
CA PRO A 185 5.79 -6.55 13.16
C PRO A 185 6.74 -7.66 13.60
N PRO A 186 7.06 -7.71 14.90
CA PRO A 186 7.96 -8.76 15.38
C PRO A 186 7.55 -10.20 15.00
N GLU A 187 6.27 -10.53 15.03
CA GLU A 187 5.90 -11.91 14.77
C GLU A 187 6.04 -12.28 13.27
N VAL A 188 6.06 -11.28 12.40
CA VAL A 188 6.34 -11.55 10.99
C VAL A 188 7.83 -11.77 10.80
N LEU A 189 8.65 -10.93 11.41
CA LEU A 189 10.13 -11.05 11.28
C LEU A 189 10.63 -12.36 11.94
N MET A 190 10.04 -12.76 13.05
CA MET A 190 10.52 -13.95 13.76
C MET A 190 9.92 -15.25 13.25
N TYR A 191 8.63 -15.26 12.89
CA TYR A 191 7.92 -16.51 12.62
C TYR A 191 7.06 -16.52 11.36
N SER A 192 7.10 -15.46 10.56
CA SER A 192 6.23 -15.33 9.38
C SER A 192 4.75 -15.43 9.70
N LYS A 193 4.33 -14.85 10.81
CA LYS A 193 2.95 -14.93 11.18
C LYS A 193 2.24 -13.72 10.63
N PHE A 194 1.62 -13.86 9.47
CA PHE A 194 0.86 -12.77 8.81
C PHE A 194 -0.59 -12.80 9.24
N SER A 195 -1.17 -11.62 9.52
CA SER A 195 -2.58 -11.50 9.90
C SER A 195 -3.11 -10.11 9.70
N SER A 196 -4.40 -9.90 10.05
CA SER A 196 -4.90 -8.53 10.02
C SER A 196 -4.02 -7.62 10.84
N LYS A 197 -3.42 -8.16 11.88
CA LYS A 197 -2.65 -7.30 12.78
C LYS A 197 -1.26 -6.96 12.23
N SER A 198 -0.77 -7.68 11.21
CA SER A 198 0.46 -7.24 10.53
C SER A 198 0.15 -6.09 9.54
N ASP A 199 -1.03 -6.08 8.96
CA ASP A 199 -1.50 -4.90 8.19
C ASP A 199 -1.62 -3.68 9.13
N ILE A 200 -2.13 -3.88 10.34
CA ILE A 200 -2.29 -2.78 11.32
C ILE A 200 -0.93 -2.18 11.64
N TRP A 201 0.05 -3.03 11.95
CA TRP A 201 1.40 -2.56 12.18
C TRP A 201 1.92 -1.69 11.01
N ALA A 202 1.79 -2.22 9.80
CA ALA A 202 2.22 -1.53 8.61
C ALA A 202 1.50 -0.19 8.44
N PHE A 203 0.21 -0.14 8.79
CA PHE A 203 -0.54 1.12 8.74
C PHE A 203 0.05 2.13 9.67
N GLY A 204 0.44 1.77 10.88
CA GLY A 204 1.12 2.68 11.80
C GLY A 204 2.39 3.27 11.17
N VAL A 205 3.17 2.41 10.49
CA VAL A 205 4.40 2.86 9.88
C VAL A 205 4.05 3.85 8.71
N LEU A 206 3.02 3.51 7.96
CA LEU A 206 2.51 4.41 6.89
C LEU A 206 2.11 5.79 7.44
N MET A 207 1.37 5.82 8.57
CA MET A 207 1.05 7.16 9.20
C MET A 207 2.33 7.89 9.50
N TRP A 208 3.31 7.16 10.05
CA TRP A 208 4.61 7.76 10.34
C TRP A 208 5.27 8.32 9.07
N GLU A 209 5.25 7.58 7.96
CA GLU A 209 5.75 8.05 6.69
C GLU A 209 5.07 9.36 6.25
N ILE A 210 3.75 9.37 6.35
CA ILE A 210 2.96 10.57 6.02
C ILE A 210 3.41 11.77 6.82
N TYR A 211 3.37 11.65 8.14
CA TYR A 211 3.73 12.77 8.97
C TYR A 211 5.19 13.19 8.91
N SER A 212 6.08 12.27 8.44
CA SER A 212 7.49 12.57 8.22
C SER A 212 7.80 13.02 6.80
N LEU A 213 6.76 13.27 6.05
CA LEU A 213 6.92 13.71 4.65
C LEU A 213 7.82 12.76 3.82
N GLY A 214 7.65 11.47 4.05
CA GLY A 214 8.28 10.44 3.20
C GLY A 214 9.70 10.05 3.57
N LYS A 215 10.13 10.40 4.78
CA LYS A 215 11.38 9.84 5.30
C LYS A 215 11.31 8.31 5.33
N MET A 216 12.46 7.66 5.17
CA MET A 216 12.55 6.25 5.34
C MET A 216 12.44 5.88 6.86
N PRO A 217 11.57 4.93 7.23
CA PRO A 217 11.45 4.53 8.62
C PRO A 217 12.78 3.95 9.10
N TYR A 218 13.21 4.33 10.31
CA TYR A 218 14.50 3.88 10.88
C TYR A 218 15.66 4.24 9.93
N GLU A 219 15.72 5.52 9.51
CA GLU A 219 16.52 5.92 8.37
C GLU A 219 18.01 5.75 8.57
N ARG A 220 18.48 5.68 9.81
CA ARG A 220 19.87 5.44 10.05
C ARG A 220 20.29 3.99 10.28
N PHE A 221 19.33 3.07 10.17
CA PHE A 221 19.56 1.65 10.43
C PHE A 221 19.45 0.87 9.13
N THR A 222 20.16 -0.25 9.05
CA THR A 222 19.91 -1.29 8.05
C THR A 222 18.66 -2.11 8.38
N ASN A 223 18.20 -2.93 7.44
CA ASN A 223 17.09 -3.81 7.70
C ASN A 223 17.43 -4.73 8.89
N SER A 224 18.67 -5.23 8.92
CA SER A 224 19.05 -6.19 9.95
C SER A 224 19.02 -5.53 11.33
N GLU A 225 19.50 -4.31 11.42
CA GLU A 225 19.54 -3.56 12.68
C GLU A 225 18.11 -3.18 13.12
N THR A 226 17.28 -2.88 12.13
CA THR A 226 15.88 -2.56 12.40
C THR A 226 15.18 -3.75 13.08
N ALA A 227 15.34 -4.94 12.49
CA ALA A 227 14.70 -6.12 13.06
C ALA A 227 15.13 -6.36 14.53
N GLU A 228 16.40 -6.14 14.81
CA GLU A 228 16.93 -6.32 16.17
C GLU A 228 16.39 -5.24 17.14
N HIS A 229 16.30 -3.98 16.68
CA HIS A 229 15.76 -2.80 17.43
CA HIS A 229 15.84 -2.97 17.56
C HIS A 229 14.32 -3.16 17.84
N ILE A 230 13.56 -3.63 16.86
CA ILE A 230 12.12 -3.92 17.02
C ILE A 230 11.91 -5.03 18.02
N ALA A 231 12.76 -6.05 17.95
CA ALA A 231 12.71 -7.19 18.87
C ALA A 231 13.05 -6.84 20.31
N GLN A 232 13.88 -5.83 20.52
CA GLN A 232 14.16 -5.30 21.83
C GLN A 232 13.11 -4.28 22.30
N GLY A 233 12.11 -4.01 21.49
CA GLY A 233 10.99 -3.18 21.92
C GLY A 233 11.16 -1.71 21.56
N LEU A 234 12.11 -1.39 20.72
CA LEU A 234 12.28 0.01 20.38
C LEU A 234 11.31 0.36 19.24
N ARG A 235 10.93 1.63 19.17
CA ARG A 235 9.95 2.06 18.18
C ARG A 235 10.34 3.31 17.46
N LEU A 236 9.61 3.63 16.39
CA LEU A 236 9.70 4.92 15.70
C LEU A 236 9.22 5.98 16.67
N TYR A 237 9.79 7.15 16.60
CA TYR A 237 9.25 8.16 17.50
C TYR A 237 8.56 9.28 16.74
N ARG A 238 8.07 10.26 17.48
CA ARG A 238 7.05 11.17 16.97
C ARG A 238 7.62 12.06 15.87
N PRO A 239 7.04 12.04 14.66
CA PRO A 239 7.40 13.09 13.65
C PRO A 239 7.04 14.47 14.16
N HIS A 240 7.86 15.43 13.80
CA HIS A 240 7.65 16.79 14.21
C HIS A 240 6.22 17.32 13.88
N LEU A 241 5.69 16.88 12.75
CA LEU A 241 4.35 17.37 12.28
C LEU A 241 3.18 16.69 12.99
N ALA A 242 3.43 15.62 13.75
CA ALA A 242 2.31 14.92 14.39
C ALA A 242 2.01 15.46 15.77
N SER A 243 0.75 15.77 16.02
CA SER A 243 0.33 16.12 17.33
C SER A 243 0.50 14.89 18.28
N GLU A 244 0.41 15.17 19.59
CA GLU A 244 0.40 14.08 20.55
C GLU A 244 -0.73 13.06 20.26
N LYS A 245 -1.93 13.54 19.89
CA LYS A 245 -3.07 12.64 19.63
C LYS A 245 -2.87 11.76 18.39
N VAL A 246 -2.26 12.35 17.35
CA VAL A 246 -1.89 11.59 16.15
C VAL A 246 -0.85 10.51 16.46
N TYR A 247 0.17 10.89 17.23
CA TYR A 247 1.20 9.95 17.64
C TYR A 247 0.63 8.81 18.46
N THR A 248 -0.33 9.08 19.35
CA THR A 248 -0.99 7.99 20.10
C THR A 248 -1.63 6.96 19.15
N ILE A 249 -2.22 7.43 18.06
CA ILE A 249 -2.86 6.52 17.11
C ILE A 249 -1.83 5.66 16.39
N MET A 250 -0.77 6.27 15.85
CA MET A 250 0.21 5.46 15.15
C MET A 250 0.89 4.50 16.11
N TYR A 251 1.15 4.96 17.33
CA TYR A 251 1.88 4.14 18.31
C TYR A 251 1.08 2.94 18.72
N SER A 252 -0.24 3.09 18.74
CA SER A 252 -1.12 1.99 19.09
C SER A 252 -1.01 0.78 18.14
N CYS A 253 -0.62 1.04 16.92
CA CYS A 253 -0.44 0.01 15.89
C CYS A 253 0.79 -0.89 16.17
N TRP A 254 1.61 -0.49 17.13
CA TRP A 254 2.93 -1.11 17.32
C TRP A 254 3.01 -1.88 18.63
N HIS A 255 1.88 -2.23 19.22
CA HIS A 255 1.95 -3.04 20.43
C HIS A 255 2.68 -4.32 20.12
N GLU A 256 3.59 -4.72 21.03
CA GLU A 256 4.30 -6.01 20.89
C GLU A 256 3.35 -7.17 20.67
N LYS A 257 2.26 -7.27 21.43
CA LYS A 257 1.23 -8.31 21.31
C LYS A 257 0.22 -7.93 20.23
N ALA A 258 0.16 -8.76 19.20
CA ALA A 258 -0.74 -8.53 18.07
C ALA A 258 -2.21 -8.31 18.48
N ASP A 259 -2.70 -9.11 19.42
CA ASP A 259 -4.11 -9.00 19.79
C ASP A 259 -4.40 -7.74 20.63
N GLU A 260 -3.38 -7.00 21.04
CA GLU A 260 -3.62 -5.68 21.70
C GLU A 260 -3.64 -4.52 20.70
N ARG A 261 -3.34 -4.80 19.45
CA ARG A 261 -3.41 -3.75 18.43
C ARG A 261 -4.86 -3.54 17.99
N PRO A 262 -5.19 -2.31 17.61
CA PRO A 262 -6.57 -2.03 17.23
C PRO A 262 -6.94 -2.68 15.92
N THR A 263 -8.23 -2.66 15.61
CA THR A 263 -8.75 -2.91 14.24
C THR A 263 -8.77 -1.65 13.40
N PHE A 264 -9.00 -1.80 12.09
CA PHE A 264 -9.12 -0.64 11.20
C PHE A 264 -10.40 0.16 11.53
N LYS A 265 -11.41 -0.55 12.01
CA LYS A 265 -12.66 0.16 12.45
C LYS A 265 -12.37 1.09 13.61
N ILE A 266 -11.65 0.61 14.60
CA ILE A 266 -11.22 1.46 15.73
C ILE A 266 -10.28 2.59 15.33
N LEU A 267 -9.30 2.29 14.48
CA LEU A 267 -8.41 3.31 14.00
C LEU A 267 -9.15 4.38 13.25
N LEU A 268 -10.15 4.01 12.43
CA LEU A 268 -10.91 5.03 11.73
C LEU A 268 -11.64 5.93 12.71
N SER A 269 -12.30 5.34 13.71
CA SER A 269 -13.00 6.10 14.71
C SER A 269 -12.07 7.09 15.39
N ASN A 270 -10.84 6.64 15.71
CA ASN A 270 -9.81 7.49 16.37
C ASN A 270 -9.36 8.65 15.48
N ILE A 271 -9.20 8.39 14.18
CA ILE A 271 -8.79 9.41 13.20
C ILE A 271 -9.85 10.46 13.03
N LEU A 272 -11.10 10.03 12.98
CA LEU A 272 -12.22 10.94 12.84
C LEU A 272 -12.31 11.85 14.07
N ASP A 273 -12.12 11.25 15.26
CA ASP A 273 -12.12 12.02 16.52
C ASP A 273 -11.02 13.12 16.50
N VAL A 274 -9.80 12.78 16.07
CA VAL A 274 -8.75 13.79 16.00
C VAL A 274 -8.96 14.86 14.94
N MET A 275 -9.53 14.45 13.80
CA MET A 275 -9.91 15.44 12.81
C MET A 275 -10.84 16.46 13.41
N ASP A 276 -11.78 16.03 14.25
CA ASP A 276 -12.78 16.93 14.83
C ASP A 276 -12.14 17.83 15.86
N GLU A 277 -11.20 17.26 16.59
CA GLU A 277 -10.51 18.03 17.65
C GLU A 277 -9.50 19.04 17.11
N GLU A 278 -8.84 18.70 16.02
CA GLU A 278 -7.74 19.53 15.55
C GLU A 278 -8.22 20.44 14.45
C1 7G6 B . 3.19 -4.96 -7.04
C2 7G6 B . 3.83 -4.57 -5.86
C3 7G6 B . 4.36 -3.31 -5.80
C7 7G6 B . 4.85 -1.05 -6.76
C8 7G6 B . 4.64 -0.18 -7.78
C10 7G6 B . 3.57 -1.80 -9.19
C11 7G6 B . 3.87 0.47 -9.94
C13 7G6 B . 3.99 -5.44 -4.61
C15 7G6 B . 2.69 -6.07 -4.06
C16 7G6 B . 3.81 -6.96 -4.68
C19 7G6 B . 3.54 2.49 -11.85
C20 7G6 B . 4.72 1.77 -11.78
C21 7G6 B . 4.91 0.77 -10.85
C22 7G6 B . 1.60 0.99 -8.96
C24 7G6 B . 1.27 3.11 -11.17
N26 7G6 B . -1.06 3.30 -11.33
C27 7G6 B . -0.95 4.63 -11.59
C31 7G6 B . 1.33 7.55 -12.07
C33 7G6 B . 1.99 9.73 -12.65
C34 7G6 B . 3.32 9.36 -12.46
C35 7G6 B . 3.65 8.05 -12.09
C4 7G6 B . 3.11 -4.08 -8.15
C5 7G6 B . 3.67 -2.79 -8.09
C6 7G6 B . 4.28 -2.40 -6.87
N9 7G6 B . 4.02 -0.54 -8.94
O12 7G6 B . 3.02 -2.11 -10.27
F14 7G6 B . 2.49 -4.44 -9.27
C17 7G6 B . 2.69 1.21 -9.98
C18 7G6 B . 2.49 2.22 -10.99
O23 7G6 B . 0.70 -0.06 -9.31
C25 7G6 B . 0.01 2.54 -11.16
C28 7G6 B . 0.31 5.27 -11.61
C29 7G6 B . 1.44 4.52 -11.40
N30 7G6 B . 0.28 6.67 -11.87
N32 7G6 B . 1.00 8.84 -12.46
C36 7G6 B . 2.61 7.13 -11.89
N37 7G6 B . 4.37 10.30 -12.64
C38 7G6 B . 5.72 9.70 -12.57
C39 7G6 B . 6.76 10.81 -12.90
N40 7G6 B . 6.57 12.04 -12.06
C41 7G6 B . 5.19 12.56 -11.99
C42 7G6 B . 4.29 11.35 -11.59
C43 7G6 B . 7.58 13.10 -12.33
C44 7G6 B . -2.42 2.76 -11.34
O45 7G6 B . -1.96 5.29 -11.78
#